data_5MO4
#
_entry.id   5MO4
#
_cell.length_a   118.280
_cell.length_b   124.130
_cell.length_c   74.660
_cell.angle_alpha   90.00
_cell.angle_beta   90.00
_cell.angle_gamma   90.00
#
_symmetry.space_group_name_H-M   'C 2 2 21'
#
loop_
_entity.id
_entity.type
_entity.pdbx_description
1 polymer 'Tyrosine-protein kinase ABL1'
2 non-polymer Nilotinib
3 non-polymer asciminib
4 water water
#
_entity_poly.entity_id   1
_entity_poly.type   'polypeptide(L)'
_entity_poly.pdbx_seq_one_letter_code
;GAMDPSEALQRPVASDFEPQGLSEAARWNSKENLLAGPSENDPNLFVALYDFVASGDNTLSITKGEKLRVLGYNHNGEWC
EAQTKNGQGWVPSNYITPVNSLEKHSWYHGPVSRNAAEYLLSSGINGSFLVRESESSPGQRSISLRYEGRVYHYRINTAS
DGKLYVSSESRFNTLAELVHHHSTVADGLITTLHYPAPKRNKPTVYGVSPNYDKWEMERTDITMKHKLGGGQYGEVYEGV
WKKYSLTVAVKTLKEDTMEVEEFLKEAAVMKEIKHPNLVQLLGVCTREPPFYIIIEFMTYGNLLDYLRECNRQEVNAVVL
LYMATQISSAMEYLEKKNFIHRNLAARNCLVGENHLVKVADFGLSRLMTGDTYTAHAGAKFPIKWTAPESLAYNKFSIKS
DVWAFGVLLWEIATYGMSPYPGIDLSQVYELLEKDYRMERPEGCPEKVYELMRACWQWNPSDRPSFAEIHQAFETMFQES
SISDEVEKELGKQGV
;
_entity_poly.pdbx_strand_id   A
#
# COMPACT_ATOMS: atom_id res chain seq x y z
N ASN A 44 -22.72 -13.73 -16.07
CA ASN A 44 -21.91 -14.69 -16.82
C ASN A 44 -20.97 -15.51 -15.89
N LEU A 45 -19.98 -16.19 -16.47
CA LEU A 45 -19.01 -17.06 -15.82
C LEU A 45 -17.79 -16.26 -15.34
N PHE A 46 -17.20 -16.68 -14.22
CA PHE A 46 -16.07 -16.03 -13.57
C PHE A 46 -14.88 -16.98 -13.46
N VAL A 47 -13.67 -16.42 -13.28
CA VAL A 47 -12.44 -17.17 -13.10
C VAL A 47 -11.72 -16.63 -11.85
N ALA A 48 -11.23 -17.56 -11.00
CA ALA A 48 -10.48 -17.20 -9.79
C ALA A 48 -9.07 -16.72 -10.17
N LEU A 49 -8.66 -15.60 -9.59
CA LEU A 49 -7.37 -14.96 -9.81
C LEU A 49 -6.41 -15.26 -8.69
N TYR A 50 -6.93 -15.71 -7.56
CA TYR A 50 -6.12 -16.01 -6.37
C TYR A 50 -6.72 -17.19 -5.70
N ASP A 51 -5.91 -17.94 -4.97
CA ASP A 51 -6.36 -19.06 -4.18
C ASP A 51 -7.06 -18.49 -2.94
N PHE A 52 -8.09 -19.18 -2.46
CA PHE A 52 -8.80 -18.81 -1.24
C PHE A 52 -9.10 -20.09 -0.49
N VAL A 53 -8.66 -20.17 0.77
CA VAL A 53 -8.87 -21.39 1.58
C VAL A 53 -10.10 -21.18 2.50
N ALA A 54 -11.13 -22.07 2.39
CA ALA A 54 -12.35 -22.01 3.21
C ALA A 54 -11.98 -22.01 4.72
N SER A 55 -12.60 -21.09 5.46
CA SER A 55 -12.27 -20.93 6.87
C SER A 55 -13.51 -20.98 7.72
N GLY A 56 -14.41 -20.00 7.50
CA GLY A 56 -15.73 -19.94 8.10
C GLY A 56 -16.59 -21.08 7.55
N ASP A 57 -17.78 -21.32 8.13
CA ASP A 57 -18.63 -22.42 7.65
C ASP A 57 -19.32 -22.12 6.31
N ASN A 58 -19.69 -20.85 6.08
CA ASN A 58 -20.38 -20.48 4.84
C ASN A 58 -19.42 -20.18 3.64
N THR A 59 -18.09 -20.34 3.81
CA THR A 59 -17.06 -20.02 2.81
C THR A 59 -16.72 -21.19 1.88
N LEU A 60 -16.24 -20.86 0.67
CA LEU A 60 -15.85 -21.82 -0.37
C LEU A 60 -14.36 -21.70 -0.73
N SER A 61 -13.62 -22.84 -0.68
CA SER A 61 -12.21 -22.95 -1.12
C SER A 61 -12.15 -22.91 -2.65
N ILE A 62 -11.30 -22.05 -3.21
CA ILE A 62 -11.13 -21.90 -4.65
C ILE A 62 -9.63 -21.86 -5.02
N THR A 63 -9.30 -22.34 -6.23
CA THR A 63 -7.94 -22.34 -6.76
C THR A 63 -7.91 -21.37 -7.93
N LYS A 64 -6.79 -20.63 -8.07
CA LYS A 64 -6.53 -19.75 -9.19
C LYS A 64 -6.68 -20.56 -10.49
N GLY A 65 -7.45 -20.00 -11.44
CA GLY A 65 -7.72 -20.60 -12.73
C GLY A 65 -9.05 -21.31 -12.83
N GLU A 66 -9.68 -21.58 -11.68
CA GLU A 66 -10.95 -22.30 -11.56
C GLU A 66 -12.15 -21.45 -12.00
N LYS A 67 -13.16 -22.09 -12.63
CA LYS A 67 -14.38 -21.39 -13.04
C LYS A 67 -15.40 -21.34 -11.93
N LEU A 68 -16.20 -20.28 -11.91
CA LEU A 68 -17.24 -20.12 -10.88
C LEU A 68 -18.47 -19.49 -11.48
N ARG A 69 -19.63 -19.82 -10.93
CA ARG A 69 -20.86 -19.12 -11.28
C ARG A 69 -21.14 -18.20 -10.06
N VAL A 70 -21.49 -16.93 -10.28
CA VAL A 70 -21.81 -16.03 -9.14
C VAL A 70 -23.34 -15.94 -8.90
N LEU A 71 -23.80 -16.37 -7.70
CA LEU A 71 -25.23 -16.37 -7.32
C LEU A 71 -25.70 -15.03 -6.75
N GLY A 72 -24.84 -14.36 -5.99
CA GLY A 72 -25.20 -13.08 -5.41
C GLY A 72 -24.13 -12.45 -4.56
N TYR A 73 -24.43 -11.28 -4.00
CA TYR A 73 -23.50 -10.48 -3.20
C TYR A 73 -23.93 -10.23 -1.77
N ASN A 74 -22.94 -9.95 -0.91
CA ASN A 74 -23.16 -9.59 0.49
C ASN A 74 -23.58 -8.11 0.55
N HIS A 75 -23.79 -7.56 1.76
CA HIS A 75 -24.27 -6.18 1.99
C HIS A 75 -23.48 -5.05 1.28
N ASN A 76 -22.15 -5.21 1.10
CA ASN A 76 -21.30 -4.19 0.48
C ASN A 76 -20.67 -4.59 -0.86
N GLY A 77 -20.98 -5.80 -1.35
CA GLY A 77 -20.43 -6.33 -2.59
C GLY A 77 -18.99 -6.80 -2.51
N GLU A 78 -18.40 -6.85 -1.31
CA GLU A 78 -17.00 -7.26 -1.12
C GLU A 78 -16.84 -8.76 -1.04
N TRP A 79 -17.96 -9.48 -0.88
CA TRP A 79 -18.00 -10.93 -0.87
C TRP A 79 -19.11 -11.36 -1.77
N CYS A 80 -18.97 -12.55 -2.39
CA CYS A 80 -20.02 -13.06 -3.25
C CYS A 80 -20.25 -14.54 -3.03
N GLU A 81 -21.48 -15.00 -3.27
CA GLU A 81 -21.79 -16.41 -3.11
C GLU A 81 -21.58 -17.04 -4.47
N ALA A 82 -20.62 -17.94 -4.53
CA ALA A 82 -20.20 -18.59 -5.75
C ALA A 82 -20.43 -20.09 -5.74
N GLN A 83 -20.39 -20.68 -6.91
CA GLN A 83 -20.60 -22.09 -7.14
C GLN A 83 -19.52 -22.61 -8.09
N THR A 84 -18.80 -23.65 -7.66
CA THR A 84 -17.79 -24.33 -8.45
C THR A 84 -18.24 -25.80 -8.58
N LYS A 85 -17.34 -26.67 -9.10
CA LYS A 85 -17.56 -28.12 -9.24
C LYS A 85 -17.36 -28.80 -7.88
N ASN A 86 -16.76 -28.08 -6.92
CA ASN A 86 -16.47 -28.58 -5.58
C ASN A 86 -17.48 -28.15 -4.51
N GLY A 87 -18.33 -27.17 -4.83
CA GLY A 87 -19.31 -26.70 -3.87
C GLY A 87 -19.84 -25.30 -4.11
N GLN A 88 -20.49 -24.78 -3.07
CA GLN A 88 -21.13 -23.47 -3.07
C GLN A 88 -20.75 -22.76 -1.77
N GLY A 89 -20.53 -21.47 -1.85
CA GLY A 89 -20.15 -20.70 -0.66
C GLY A 89 -19.64 -19.30 -0.95
N TRP A 90 -19.33 -18.58 0.14
CA TRP A 90 -18.82 -17.22 0.11
C TRP A 90 -17.33 -17.12 -0.20
N VAL A 91 -16.96 -16.18 -1.09
CA VAL A 91 -15.57 -15.92 -1.47
C VAL A 91 -15.42 -14.40 -1.58
N PRO A 92 -14.22 -13.81 -1.34
CA PRO A 92 -14.06 -12.36 -1.58
C PRO A 92 -14.24 -12.06 -3.06
N SER A 93 -15.00 -10.99 -3.37
CA SER A 93 -15.33 -10.59 -4.75
C SER A 93 -14.10 -10.22 -5.58
N ASN A 94 -13.11 -9.57 -4.95
CA ASN A 94 -11.89 -9.16 -5.63
C ASN A 94 -10.90 -10.34 -5.87
N TYR A 95 -11.24 -11.57 -5.46
CA TYR A 95 -10.38 -12.74 -5.72
C TYR A 95 -10.73 -13.37 -7.08
N ILE A 96 -11.84 -12.91 -7.69
CA ILE A 96 -12.40 -13.44 -8.95
C ILE A 96 -12.68 -12.31 -9.94
N THR A 97 -12.87 -12.66 -11.22
CA THR A 97 -13.17 -11.70 -12.29
C THR A 97 -14.01 -12.38 -13.37
N PRO A 98 -14.93 -11.67 -14.08
CA PRO A 98 -15.65 -12.33 -15.20
C PRO A 98 -14.65 -12.90 -16.24
N VAL A 99 -15.00 -14.03 -16.88
CA VAL A 99 -14.20 -14.65 -17.96
C VAL A 99 -14.11 -13.66 -19.14
N ASN A 100 -15.11 -12.76 -19.28
CA ASN A 100 -15.14 -11.73 -20.33
C ASN A 100 -14.55 -10.41 -19.79
N SER A 101 -13.35 -10.46 -19.20
CA SER A 101 -12.70 -9.25 -18.66
C SER A 101 -11.18 -9.32 -18.88
N LEU A 102 -10.54 -8.17 -18.92
CA LEU A 102 -9.11 -8.03 -19.12
C LEU A 102 -8.25 -8.59 -17.96
N GLU A 103 -8.77 -8.51 -16.71
CA GLU A 103 -8.12 -8.94 -15.46
C GLU A 103 -7.76 -10.44 -15.41
N LYS A 104 -8.33 -11.26 -16.31
CA LYS A 104 -8.01 -12.69 -16.42
C LYS A 104 -6.53 -12.93 -16.93
N HIS A 105 -5.97 -11.95 -17.65
CA HIS A 105 -4.62 -12.03 -18.19
C HIS A 105 -3.59 -11.69 -17.13
N SER A 106 -2.51 -12.52 -16.97
CA SER A 106 -1.50 -12.28 -15.92
C SER A 106 -0.77 -10.95 -16.09
N TRP A 107 -0.62 -10.51 -17.35
CA TRP A 107 0.02 -9.27 -17.71
C TRP A 107 -0.87 -8.03 -17.49
N TYR A 108 -2.19 -8.21 -17.29
CA TYR A 108 -3.07 -7.07 -17.10
C TYR A 108 -3.19 -6.70 -15.60
N HIS A 109 -2.55 -5.60 -15.20
CA HIS A 109 -2.51 -5.16 -13.80
C HIS A 109 -3.53 -4.05 -13.46
N GLY A 110 -4.37 -3.69 -14.43
CA GLY A 110 -5.44 -2.70 -14.25
C GLY A 110 -4.98 -1.31 -13.86
N PRO A 111 -5.61 -0.67 -12.85
CA PRO A 111 -5.17 0.69 -12.50
C PRO A 111 -3.94 0.73 -11.59
N VAL A 112 -2.76 0.79 -12.19
CA VAL A 112 -1.49 0.97 -11.49
C VAL A 112 -0.78 2.15 -12.12
N SER A 113 -0.15 2.97 -11.28
CA SER A 113 0.56 4.17 -11.72
C SER A 113 1.88 3.81 -12.43
N ARG A 114 2.50 4.81 -13.08
CA ARG A 114 3.78 4.69 -13.77
C ARG A 114 4.86 4.19 -12.79
N ASN A 115 4.87 4.79 -11.57
CA ASN A 115 5.83 4.48 -10.51
C ASN A 115 5.59 3.12 -9.87
N ALA A 116 4.31 2.76 -9.60
CA ALA A 116 3.92 1.45 -9.07
C ALA A 116 4.33 0.34 -10.08
N ALA A 117 4.23 0.63 -11.41
CA ALA A 117 4.64 -0.31 -12.48
C ALA A 117 6.14 -0.53 -12.41
N GLU A 118 6.94 0.56 -12.19
CA GLU A 118 8.39 0.47 -12.03
C GLU A 118 8.74 -0.41 -10.82
N TYR A 119 7.95 -0.28 -9.70
CA TYR A 119 8.15 -1.15 -8.54
C TYR A 119 7.88 -2.62 -8.88
N LEU A 120 6.77 -2.91 -9.55
CA LEU A 120 6.38 -4.27 -9.92
C LEU A 120 7.40 -4.94 -10.83
N LEU A 121 8.08 -4.13 -11.64
CA LEU A 121 9.10 -4.62 -12.54
C LEU A 121 10.52 -4.61 -11.96
N SER A 122 10.72 -4.01 -10.76
CA SER A 122 12.04 -3.94 -10.12
C SER A 122 12.61 -5.34 -9.78
N SER A 123 11.73 -6.33 -9.63
CA SER A 123 12.12 -7.71 -9.30
C SER A 123 12.25 -8.55 -10.58
N GLY A 124 11.97 -7.91 -11.73
CA GLY A 124 11.99 -8.54 -13.05
C GLY A 124 13.33 -8.75 -13.71
N ILE A 125 13.28 -9.10 -15.01
CA ILE A 125 14.43 -9.35 -15.89
C ILE A 125 14.13 -8.70 -17.25
N ASN A 126 15.02 -8.87 -18.25
CA ASN A 126 14.76 -8.30 -19.58
C ASN A 126 13.50 -8.99 -20.15
N GLY A 127 12.53 -8.23 -20.63
CA GLY A 127 11.30 -8.83 -21.15
C GLY A 127 10.14 -8.92 -20.17
N SER A 128 10.38 -8.57 -18.89
CA SER A 128 9.34 -8.50 -17.86
C SER A 128 8.43 -7.31 -18.21
N PHE A 129 7.11 -7.49 -18.15
CA PHE A 129 6.22 -6.41 -18.57
C PHE A 129 4.86 -6.51 -17.93
N LEU A 130 4.07 -5.45 -18.12
CA LEU A 130 2.69 -5.39 -17.67
C LEU A 130 1.93 -4.37 -18.50
N VAL A 131 0.61 -4.48 -18.49
CA VAL A 131 -0.30 -3.54 -19.14
C VAL A 131 -1.10 -2.92 -17.98
N ARG A 132 -1.21 -1.60 -18.00
CA ARG A 132 -1.89 -0.83 -16.98
C ARG A 132 -2.85 0.19 -17.59
N GLU A 133 -3.81 0.62 -16.80
CA GLU A 133 -4.80 1.64 -17.14
C GLU A 133 -4.54 2.87 -16.25
N SER A 134 -4.80 4.07 -16.79
CA SER A 134 -4.69 5.33 -16.02
C SER A 134 -5.93 5.40 -15.10
N GLU A 135 -5.71 5.56 -13.79
CA GLU A 135 -6.81 5.64 -12.80
C GLU A 135 -7.65 6.92 -13.00
N SER A 136 -6.97 8.07 -13.21
CA SER A 136 -7.58 9.39 -13.44
C SER A 136 -8.35 9.46 -14.77
N SER A 137 -7.71 9.03 -15.88
CA SER A 137 -8.29 9.03 -17.24
C SER A 137 -8.64 7.59 -17.69
N PRO A 138 -9.89 7.12 -17.45
CA PRO A 138 -10.25 5.73 -17.83
C PRO A 138 -10.15 5.43 -19.33
N GLY A 139 -9.80 4.20 -19.66
CA GLY A 139 -9.61 3.75 -21.03
C GLY A 139 -8.22 4.02 -21.60
N GLN A 140 -7.39 4.84 -20.90
CA GLN A 140 -6.03 5.14 -21.34
C GLN A 140 -5.09 4.07 -20.80
N ARG A 141 -4.54 3.25 -21.70
CA ARG A 141 -3.67 2.15 -21.32
C ARG A 141 -2.23 2.34 -21.77
N SER A 142 -1.30 1.70 -21.04
CA SER A 142 0.14 1.75 -21.33
C SER A 142 0.79 0.41 -21.09
N ILE A 143 1.96 0.19 -21.72
CA ILE A 143 2.79 -0.98 -21.50
C ILE A 143 4.01 -0.52 -20.75
N SER A 144 4.40 -1.25 -19.70
CA SER A 144 5.61 -0.94 -18.95
C SER A 144 6.49 -2.15 -19.10
N LEU A 145 7.68 -1.95 -19.66
CA LEU A 145 8.59 -3.02 -20.05
C LEU A 145 9.98 -2.83 -19.48
N ARG A 146 10.50 -3.87 -18.84
CA ARG A 146 11.86 -3.83 -18.32
C ARG A 146 12.91 -4.28 -19.35
N TYR A 147 13.98 -3.48 -19.46
CA TYR A 147 15.12 -3.79 -20.27
C TYR A 147 16.38 -3.18 -19.69
N GLU A 148 17.38 -4.02 -19.40
CA GLU A 148 18.70 -3.67 -18.86
C GLU A 148 18.65 -2.74 -17.63
N GLY A 149 17.82 -3.12 -16.67
CA GLY A 149 17.62 -2.43 -15.39
C GLY A 149 16.75 -1.18 -15.47
N ARG A 150 16.20 -0.88 -16.67
CA ARG A 150 15.35 0.30 -16.89
C ARG A 150 13.94 -0.11 -17.28
N VAL A 151 12.96 0.75 -17.00
CA VAL A 151 11.56 0.53 -17.36
C VAL A 151 11.20 1.50 -18.45
N TYR A 152 10.64 0.98 -19.55
CA TYR A 152 10.19 1.74 -20.71
C TYR A 152 8.66 1.73 -20.71
N HIS A 153 8.05 2.89 -20.95
CA HIS A 153 6.61 3.04 -20.90
C HIS A 153 6.10 3.43 -22.28
N TYR A 154 5.06 2.74 -22.76
CA TYR A 154 4.52 3.01 -24.08
C TYR A 154 3.04 3.17 -23.97
N ARG A 155 2.52 4.20 -24.60
CA ARG A 155 1.08 4.42 -24.65
C ARG A 155 0.49 3.50 -25.70
N ILE A 156 -0.64 2.88 -25.36
CA ILE A 156 -1.39 2.06 -26.31
C ILE A 156 -2.39 3.04 -26.97
N ASN A 157 -2.26 3.23 -28.29
CA ASN A 157 -3.11 4.12 -29.09
C ASN A 157 -4.34 3.38 -29.58
N THR A 158 -5.44 4.12 -29.76
CA THR A 158 -6.71 3.59 -30.28
C THR A 158 -6.99 4.30 -31.61
N ALA A 159 -7.22 3.53 -32.68
CA ALA A 159 -7.54 4.08 -33.99
C ALA A 159 -9.05 4.49 -34.05
N SER A 160 -9.49 5.12 -35.14
CA SER A 160 -10.88 5.58 -35.31
C SER A 160 -11.84 4.37 -35.47
N ASP A 161 -11.33 3.24 -35.97
CA ASP A 161 -12.13 2.02 -36.07
C ASP A 161 -11.98 1.15 -34.78
N GLY A 162 -11.35 1.70 -33.74
CA GLY A 162 -11.15 1.02 -32.44
C GLY A 162 -9.95 0.11 -32.34
N LYS A 163 -9.17 -0.03 -33.41
CA LYS A 163 -7.99 -0.89 -33.39
C LYS A 163 -6.88 -0.35 -32.48
N LEU A 164 -6.18 -1.25 -31.74
CA LEU A 164 -5.13 -0.86 -30.80
C LEU A 164 -3.77 -1.06 -31.37
N TYR A 165 -2.84 -0.14 -31.05
CA TYR A 165 -1.48 -0.23 -31.58
C TYR A 165 -0.50 0.59 -30.74
N VAL A 166 0.78 0.24 -30.85
CA VAL A 166 1.92 0.97 -30.29
C VAL A 166 2.60 1.56 -31.52
N SER A 167 2.86 0.70 -32.52
CA SER A 167 3.43 1.06 -33.82
C SER A 167 2.28 1.14 -34.81
N SER A 168 2.18 2.27 -35.54
CA SER A 168 1.12 2.54 -36.51
C SER A 168 0.90 1.41 -37.54
N GLU A 169 1.97 0.70 -37.93
CA GLU A 169 1.93 -0.40 -38.91
C GLU A 169 1.37 -1.73 -38.36
N SER A 170 1.20 -1.84 -37.03
CA SER A 170 0.74 -3.09 -36.41
C SER A 170 -0.42 -2.86 -35.44
N ARG A 171 -1.62 -2.84 -36.01
CA ARG A 171 -2.89 -2.57 -35.34
C ARG A 171 -3.69 -3.85 -35.16
N PHE A 172 -4.28 -4.01 -33.98
CA PHE A 172 -5.01 -5.22 -33.62
C PHE A 172 -6.40 -4.90 -33.13
N ASN A 173 -7.31 -5.86 -33.24
CA ASN A 173 -8.70 -5.70 -32.82
C ASN A 173 -8.88 -5.74 -31.31
N THR A 174 -8.01 -6.50 -30.63
CA THR A 174 -8.07 -6.64 -29.18
C THR A 174 -6.71 -6.40 -28.54
N LEU A 175 -6.73 -6.08 -27.25
CA LEU A 175 -5.54 -5.87 -26.45
C LEU A 175 -4.72 -7.19 -26.34
N ALA A 176 -5.39 -8.35 -26.13
CA ALA A 176 -4.70 -9.67 -26.02
C ALA A 176 -3.91 -10.01 -27.33
N GLU A 177 -4.43 -9.60 -28.51
CA GLU A 177 -3.77 -9.81 -29.81
C GLU A 177 -2.55 -8.87 -29.96
N LEU A 178 -2.68 -7.60 -29.52
CA LEU A 178 -1.57 -6.66 -29.55
C LEU A 178 -0.41 -7.23 -28.66
N VAL A 179 -0.75 -7.66 -27.44
CA VAL A 179 0.20 -8.24 -26.47
C VAL A 179 0.84 -9.51 -27.07
N HIS A 180 0.02 -10.39 -27.66
CA HIS A 180 0.51 -11.62 -28.29
C HIS A 180 1.50 -11.34 -29.42
N HIS A 181 1.25 -10.30 -30.21
CA HIS A 181 2.14 -9.94 -31.31
C HIS A 181 3.53 -9.45 -30.80
N HIS A 182 3.52 -8.50 -29.84
CA HIS A 182 4.74 -7.95 -29.28
C HIS A 182 5.45 -8.93 -28.31
N SER A 183 4.84 -10.08 -28.03
CA SER A 183 5.44 -11.18 -27.25
C SER A 183 6.32 -12.07 -28.17
N THR A 184 6.19 -11.90 -29.51
CA THR A 184 6.97 -12.66 -30.50
C THR A 184 8.00 -11.78 -31.22
N VAL A 185 7.64 -10.52 -31.55
CA VAL A 185 8.53 -9.53 -32.20
C VAL A 185 8.42 -8.19 -31.46
N ALA A 186 9.55 -7.49 -31.19
CA ALA A 186 9.59 -6.19 -30.49
C ALA A 186 8.79 -5.14 -31.30
N ASP A 187 9.01 -5.13 -32.65
CA ASP A 187 8.33 -4.30 -33.65
C ASP A 187 7.99 -2.88 -33.14
N GLY A 188 9.03 -2.14 -32.74
CA GLY A 188 8.91 -0.78 -32.19
C GLY A 188 9.19 -0.66 -30.71
N LEU A 189 9.01 -1.74 -29.93
CA LEU A 189 9.33 -1.72 -28.51
C LEU A 189 10.83 -2.00 -28.37
N ILE A 190 11.43 -1.64 -27.23
CA ILE A 190 12.86 -1.86 -26.99
C ILE A 190 13.19 -3.38 -27.09
N THR A 191 12.27 -4.23 -26.63
CA THR A 191 12.41 -5.68 -26.67
C THR A 191 11.03 -6.33 -26.69
N THR A 192 11.01 -7.68 -26.74
CA THR A 192 9.76 -8.45 -26.71
C THR A 192 9.15 -8.46 -25.31
N LEU A 193 7.83 -8.66 -25.25
CA LEU A 193 7.01 -8.78 -24.03
C LEU A 193 7.00 -10.25 -23.65
N HIS A 194 7.96 -10.69 -22.83
CA HIS A 194 8.08 -12.12 -22.55
C HIS A 194 7.63 -12.60 -21.18
N TYR A 195 7.77 -11.78 -20.13
CA TYR A 195 7.46 -12.24 -18.76
C TYR A 195 6.44 -11.36 -18.03
N PRO A 196 5.14 -11.75 -18.01
CA PRO A 196 4.15 -10.95 -17.27
C PRO A 196 4.57 -10.73 -15.81
N ALA A 197 4.55 -9.48 -15.35
CA ALA A 197 4.90 -9.21 -13.92
C ALA A 197 3.92 -9.95 -12.96
N PRO A 198 4.43 -10.70 -11.99
CA PRO A 198 3.52 -11.39 -11.04
C PRO A 198 2.67 -10.45 -10.17
N LYS A 199 1.43 -10.89 -9.86
CA LYS A 199 0.48 -10.24 -8.96
C LYS A 199 0.75 -11.04 -7.69
N ARG A 200 1.76 -10.64 -6.92
CA ARG A 200 2.22 -11.41 -5.76
C ARG A 200 1.32 -11.25 -4.51
N ASN A 201 0.94 -10.00 -4.13
CA ASN A 201 0.09 -9.79 -2.95
C ASN A 201 -1.37 -10.06 -3.25
N LYS A 202 -2.03 -10.80 -2.34
CA LYS A 202 -3.47 -11.10 -2.43
C LYS A 202 -4.26 -9.81 -2.24
N PRO A 203 -5.45 -9.66 -2.86
CA PRO A 203 -6.19 -8.41 -2.68
C PRO A 203 -6.58 -8.19 -1.22
N THR A 204 -6.85 -6.94 -0.89
CA THR A 204 -7.25 -6.57 0.48
C THR A 204 -8.66 -7.00 0.78
N VAL A 205 -8.82 -7.66 1.93
CA VAL A 205 -10.09 -8.12 2.47
C VAL A 205 -10.21 -7.55 3.89
N TYR A 206 -11.32 -6.83 4.17
CA TYR A 206 -11.57 -6.22 5.48
C TYR A 206 -12.31 -7.19 6.38
N GLY A 207 -11.55 -7.87 7.21
CA GLY A 207 -12.08 -8.90 8.10
C GLY A 207 -12.04 -10.25 7.42
N VAL A 208 -12.62 -11.25 8.07
CA VAL A 208 -12.58 -12.64 7.61
C VAL A 208 -13.98 -13.22 7.31
N SER A 209 -15.02 -12.36 7.28
CA SER A 209 -16.41 -12.81 7.10
C SER A 209 -17.23 -11.98 6.11
N PRO A 210 -18.14 -12.63 5.32
CA PRO A 210 -19.03 -11.86 4.43
C PRO A 210 -20.17 -11.14 5.17
N ASN A 211 -20.45 -11.55 6.42
CA ASN A 211 -21.60 -11.04 7.16
C ASN A 211 -21.32 -9.74 7.90
N TYR A 212 -22.38 -8.93 8.00
CA TYR A 212 -22.46 -7.62 8.62
C TYR A 212 -22.05 -7.66 10.10
N ASP A 213 -21.06 -6.82 10.46
CA ASP A 213 -20.52 -6.63 11.82
C ASP A 213 -20.20 -7.92 12.61
N LYS A 214 -19.85 -9.00 11.91
CA LYS A 214 -19.43 -10.25 12.57
C LYS A 214 -17.90 -10.10 12.81
N TRP A 215 -17.51 -9.54 13.98
CA TRP A 215 -16.11 -9.30 14.33
C TRP A 215 -15.64 -10.22 15.48
N GLU A 216 -16.55 -10.68 16.35
CA GLU A 216 -16.20 -11.57 17.45
C GLU A 216 -15.71 -12.90 16.94
N MET A 217 -14.57 -13.36 17.42
N MET A 217 -14.55 -13.34 17.44
CA MET A 217 -14.02 -14.64 16.99
CA MET A 217 -13.87 -14.58 17.03
C MET A 217 -13.77 -15.58 18.18
C MET A 217 -13.65 -15.52 18.21
N GLU A 218 -13.35 -16.81 17.91
CA GLU A 218 -13.10 -17.81 18.94
C GLU A 218 -11.62 -17.83 19.35
N ARG A 219 -11.37 -17.35 20.58
CA ARG A 219 -10.09 -17.23 21.26
C ARG A 219 -9.20 -18.48 21.17
N THR A 220 -9.81 -19.67 21.25
CA THR A 220 -9.10 -20.95 21.21
C THR A 220 -8.54 -21.27 19.80
N ASP A 221 -9.11 -20.66 18.72
CA ASP A 221 -8.66 -20.84 17.34
C ASP A 221 -7.29 -20.17 17.05
N ILE A 222 -6.80 -19.34 17.98
CA ILE A 222 -5.48 -18.67 17.88
C ILE A 222 -4.52 -19.33 18.85
N THR A 223 -3.34 -19.73 18.36
CA THR A 223 -2.24 -20.27 19.17
C THR A 223 -1.33 -19.07 19.41
N MET A 224 -1.31 -18.56 20.65
CA MET A 224 -0.45 -17.42 20.99
C MET A 224 1.01 -17.85 21.13
N LYS A 225 1.91 -17.14 20.46
CA LYS A 225 3.35 -17.36 20.53
C LYS A 225 3.94 -16.23 21.42
N HIS A 226 5.21 -15.90 21.22
CA HIS A 226 5.98 -14.87 21.93
C HIS A 226 5.44 -13.44 21.72
N LYS A 227 6.00 -12.47 22.48
CA LYS A 227 5.70 -11.06 22.35
C LYS A 227 6.38 -10.56 21.06
N LEU A 228 5.73 -9.62 20.38
CA LEU A 228 6.24 -9.05 19.13
C LEU A 228 7.35 -8.07 19.33
N GLY A 229 8.30 -8.08 18.38
CA GLY A 229 9.47 -7.21 18.35
C GLY A 229 10.21 -7.11 19.66
N GLY A 230 10.35 -8.25 20.35
CA GLY A 230 11.01 -8.35 21.65
C GLY A 230 10.46 -7.41 22.70
N GLY A 231 9.12 -7.38 22.82
CA GLY A 231 8.38 -6.56 23.78
C GLY A 231 8.31 -5.07 23.53
N GLN A 232 8.86 -4.60 22.39
CA GLN A 232 8.89 -3.19 21.95
C GLN A 232 7.50 -2.52 21.87
N TYR A 233 6.47 -3.29 21.47
CA TYR A 233 5.12 -2.77 21.27
C TYR A 233 4.18 -3.01 22.46
N GLY A 234 4.70 -3.62 23.52
CA GLY A 234 3.94 -3.89 24.73
C GLY A 234 3.23 -5.23 24.64
N GLU A 235 1.94 -5.27 25.03
CA GLU A 235 1.13 -6.49 25.03
C GLU A 235 0.61 -6.89 23.64
N VAL A 236 1.55 -7.03 22.67
CA VAL A 236 1.28 -7.44 21.27
C VAL A 236 2.05 -8.74 21.03
N TYR A 237 1.34 -9.78 20.61
CA TYR A 237 1.93 -11.11 20.39
C TYR A 237 1.76 -11.60 18.99
N GLU A 238 2.69 -12.46 18.56
CA GLU A 238 2.60 -13.16 17.29
C GLU A 238 1.71 -14.37 17.59
N GLY A 239 0.79 -14.65 16.69
CA GLY A 239 -0.11 -15.79 16.83
C GLY A 239 -0.33 -16.48 15.50
N VAL A 240 -0.83 -17.70 15.55
CA VAL A 240 -1.17 -18.44 14.33
C VAL A 240 -2.67 -18.69 14.42
N TRP A 241 -3.41 -18.32 13.36
CA TRP A 241 -4.86 -18.50 13.20
C TRP A 241 -5.05 -19.55 12.09
N LYS A 242 -4.78 -20.83 12.43
CA LYS A 242 -4.85 -22.01 11.55
C LYS A 242 -6.15 -22.10 10.73
N LYS A 243 -7.32 -21.94 11.39
CA LYS A 243 -8.64 -21.97 10.76
C LYS A 243 -8.74 -21.02 9.57
N TYR A 244 -8.19 -19.79 9.71
CA TYR A 244 -8.23 -18.76 8.69
C TYR A 244 -6.95 -18.66 7.85
N SER A 245 -6.00 -19.62 8.03
CA SER A 245 -4.71 -19.72 7.33
C SER A 245 -3.88 -18.39 7.45
N LEU A 246 -3.83 -17.81 8.65
CA LEU A 246 -3.12 -16.56 8.87
C LEU A 246 -2.14 -16.59 10.02
N THR A 247 -1.10 -15.76 9.92
CA THR A 247 -0.16 -15.45 10.99
C THR A 247 -0.69 -14.07 11.42
N VAL A 248 -0.95 -13.92 12.70
CA VAL A 248 -1.57 -12.72 13.23
C VAL A 248 -0.72 -12.00 14.27
N ALA A 249 -1.06 -10.73 14.51
CA ALA A 249 -0.50 -9.86 15.55
C ALA A 249 -1.69 -9.57 16.49
N VAL A 250 -1.60 -10.01 17.76
CA VAL A 250 -2.66 -9.94 18.77
C VAL A 250 -2.33 -8.98 19.91
N LYS A 251 -3.12 -7.91 20.05
CA LYS A 251 -2.99 -6.96 21.16
C LYS A 251 -3.92 -7.43 22.28
N THR A 252 -3.33 -7.71 23.47
CA THR A 252 -4.03 -8.21 24.66
C THR A 252 -4.18 -7.16 25.76
N LEU A 253 -5.29 -7.22 26.51
CA LEU A 253 -5.59 -6.29 27.60
C LEU A 253 -5.31 -6.95 28.96
N LYS A 254 -4.39 -6.35 29.73
CA LYS A 254 -4.01 -6.79 31.08
C LYS A 254 -4.26 -5.66 32.08
N GLU A 255 -4.48 -6.01 33.37
CA GLU A 255 -4.74 -5.07 34.48
C GLU A 255 -3.57 -4.08 34.68
N ASP A 256 -3.91 -2.78 34.91
CA ASP A 256 -2.96 -1.67 35.10
C ASP A 256 -1.99 -1.50 33.92
N GLU A 259 -6.63 0.20 30.50
CA GLU A 259 -7.95 0.81 30.51
C GLU A 259 -8.88 0.16 29.48
N VAL A 260 -9.89 -0.59 29.97
CA VAL A 260 -10.88 -1.34 29.18
C VAL A 260 -11.63 -0.43 28.19
N GLU A 261 -12.03 0.77 28.61
CA GLU A 261 -12.75 1.75 27.78
C GLU A 261 -11.94 2.24 26.59
N GLU A 262 -10.61 2.38 26.76
CA GLU A 262 -9.69 2.83 25.71
C GLU A 262 -9.49 1.71 24.67
N PHE A 263 -9.36 0.46 25.13
CA PHE A 263 -9.14 -0.75 24.35
C PHE A 263 -10.37 -1.05 23.50
N LEU A 264 -11.56 -0.76 24.04
CA LEU A 264 -12.81 -0.96 23.33
C LEU A 264 -13.04 0.13 22.30
N LYS A 265 -12.60 1.37 22.60
CA LYS A 265 -12.71 2.51 21.69
C LYS A 265 -11.77 2.30 20.49
N GLU A 266 -10.58 1.68 20.75
CA GLU A 266 -9.61 1.38 19.71
C GLU A 266 -10.19 0.36 18.72
N ALA A 267 -10.79 -0.75 19.23
CA ALA A 267 -11.45 -1.77 18.39
C ALA A 267 -12.57 -1.13 17.56
N ALA A 268 -13.40 -0.25 18.18
CA ALA A 268 -14.52 0.44 17.54
C ALA A 268 -14.08 1.34 16.40
N VAL A 269 -12.99 2.13 16.61
CA VAL A 269 -12.38 3.01 15.62
C VAL A 269 -11.85 2.18 14.41
N MET A 270 -11.11 1.10 14.70
CA MET A 270 -10.53 0.18 13.73
C MET A 270 -11.55 -0.50 12.83
N LYS A 271 -12.79 -0.71 13.33
CA LYS A 271 -13.89 -1.31 12.54
C LYS A 271 -14.25 -0.44 11.33
N GLU A 272 -14.05 0.87 11.44
CA GLU A 272 -14.37 1.83 10.38
C GLU A 272 -13.17 2.23 9.49
N ILE A 273 -11.95 1.80 9.82
CA ILE A 273 -10.75 2.12 9.04
C ILE A 273 -10.53 1.02 7.99
N LYS A 274 -10.88 1.31 6.72
CA LYS A 274 -10.82 0.33 5.63
C LYS A 274 -10.08 0.84 4.39
N HIS A 275 -8.79 0.59 4.33
CA HIS A 275 -7.93 1.06 3.26
C HIS A 275 -6.82 0.02 3.07
N PRO A 276 -6.31 -0.23 1.84
CA PRO A 276 -5.24 -1.22 1.70
C PRO A 276 -3.94 -0.91 2.46
N ASN A 277 -3.69 0.38 2.79
CA ASN A 277 -2.46 0.81 3.45
C ASN A 277 -2.64 1.31 4.89
N LEU A 278 -3.74 0.88 5.54
CA LEU A 278 -3.97 1.11 6.96
C LEU A 278 -4.21 -0.27 7.53
N VAL A 279 -3.61 -0.59 8.69
CA VAL A 279 -3.83 -1.92 9.29
C VAL A 279 -5.35 -2.25 9.31
N GLN A 280 -5.72 -3.46 8.85
CA GLN A 280 -7.11 -3.90 8.76
C GLN A 280 -7.41 -4.77 9.96
N LEU A 281 -8.47 -4.43 10.73
CA LEU A 281 -8.92 -5.25 11.84
C LEU A 281 -9.40 -6.60 11.24
N LEU A 282 -8.98 -7.72 11.84
CA LEU A 282 -9.42 -9.04 11.39
C LEU A 282 -10.50 -9.61 12.31
N GLY A 283 -10.45 -9.24 13.59
CA GLY A 283 -11.41 -9.70 14.58
C GLY A 283 -11.10 -9.31 16.02
N VAL A 284 -12.06 -9.55 16.91
CA VAL A 284 -11.92 -9.24 18.34
C VAL A 284 -12.36 -10.42 19.24
N CYS A 285 -11.99 -10.34 20.51
CA CYS A 285 -12.39 -11.22 21.59
C CYS A 285 -12.70 -10.26 22.72
N THR A 286 -13.91 -9.67 22.72
CA THR A 286 -14.27 -8.67 23.74
C THR A 286 -15.49 -9.08 24.61
N ARG A 287 -15.74 -10.39 24.78
CA ARG A 287 -16.86 -10.87 25.62
C ARG A 287 -16.38 -11.16 27.04
N GLU A 288 -15.31 -11.95 27.17
CA GLU A 288 -14.67 -12.35 28.43
C GLU A 288 -13.17 -11.98 28.39
N PRO A 289 -12.48 -11.79 29.55
CA PRO A 289 -11.04 -11.45 29.50
C PRO A 289 -10.14 -12.66 29.20
N PRO A 290 -8.88 -12.47 28.70
CA PRO A 290 -8.23 -11.20 28.30
C PRO A 290 -8.76 -10.71 26.95
N PHE A 291 -9.02 -9.41 26.82
CA PHE A 291 -9.52 -8.85 25.58
C PHE A 291 -8.45 -8.84 24.47
N TYR A 292 -8.82 -9.32 23.26
CA TYR A 292 -7.96 -9.39 22.08
C TYR A 292 -8.42 -8.41 20.99
N ILE A 293 -7.45 -7.92 20.19
CA ILE A 293 -7.58 -7.12 18.96
C ILE A 293 -6.61 -7.80 17.98
N ILE A 294 -7.14 -8.29 16.84
CA ILE A 294 -6.35 -9.07 15.89
C ILE A 294 -6.18 -8.39 14.53
N ILE A 295 -4.94 -8.35 14.03
CA ILE A 295 -4.60 -7.87 12.68
C ILE A 295 -3.66 -8.91 12.08
N GLU A 296 -3.46 -8.87 10.76
CA GLU A 296 -2.50 -9.79 10.17
C GLU A 296 -1.08 -9.32 10.50
N PHE A 297 -0.22 -10.29 10.82
CA PHE A 297 1.18 -10.08 11.13
C PHE A 297 1.92 -9.53 9.89
N MET A 298 2.72 -8.46 10.07
CA MET A 298 3.47 -7.86 8.99
C MET A 298 4.93 -8.37 9.05
N THR A 299 5.29 -9.26 8.13
CA THR A 299 6.59 -9.96 8.05
C THR A 299 7.84 -9.13 8.38
N TYR A 300 7.99 -7.91 7.84
CA TYR A 300 9.22 -7.14 7.99
C TYR A 300 9.24 -6.09 9.09
N GLY A 301 8.28 -6.18 10.02
CA GLY A 301 8.20 -5.29 11.17
C GLY A 301 7.97 -3.84 10.83
N ASN A 302 8.40 -2.94 11.72
CA ASN A 302 8.20 -1.51 11.52
C ASN A 302 9.14 -0.93 10.42
N LEU A 303 8.67 0.14 9.74
CA LEU A 303 9.39 0.79 8.63
C LEU A 303 10.73 1.42 9.02
N LEU A 304 10.82 2.03 10.21
CA LEU A 304 12.07 2.68 10.64
C LEU A 304 13.24 1.68 10.72
N ASP A 305 13.04 0.55 11.42
CA ASP A 305 14.05 -0.51 11.52
C ASP A 305 14.27 -1.15 10.17
N TYR A 306 13.20 -1.27 9.36
CA TYR A 306 13.34 -1.86 8.03
C TYR A 306 14.28 -1.02 7.14
N LEU A 307 14.08 0.33 7.12
CA LEU A 307 14.93 1.27 6.35
C LEU A 307 16.42 1.17 6.80
N ARG A 308 16.64 1.08 8.11
CA ARG A 308 17.97 1.00 8.73
C ARG A 308 18.69 -0.31 8.49
N GLU A 309 17.95 -1.43 8.37
CA GLU A 309 18.52 -2.78 8.24
C GLU A 309 18.40 -3.43 6.84
N CYS A 310 17.68 -2.81 5.90
CA CYS A 310 17.45 -3.37 4.56
C CYS A 310 18.72 -3.45 3.68
N ASN A 311 18.60 -4.19 2.56
CA ASN A 311 19.63 -4.24 1.55
C ASN A 311 19.33 -3.06 0.62
N ARG A 312 20.22 -2.03 0.63
CA ARG A 312 20.05 -0.79 -0.13
C ARG A 312 20.15 -0.95 -1.66
N GLN A 313 20.64 -2.10 -2.15
CA GLN A 313 20.70 -2.40 -3.59
C GLN A 313 19.29 -2.81 -4.05
N GLU A 314 18.61 -3.62 -3.22
CA GLU A 314 17.24 -4.09 -3.43
C GLU A 314 16.25 -2.94 -3.15
N VAL A 315 16.40 -2.23 -2.00
CA VAL A 315 15.51 -1.13 -1.61
C VAL A 315 16.07 0.16 -2.17
N ASN A 316 15.92 0.36 -3.48
CA ASN A 316 16.40 1.52 -4.22
C ASN A 316 15.36 2.68 -4.24
N ALA A 317 15.63 3.76 -4.99
CA ALA A 317 14.76 4.95 -5.05
C ALA A 317 13.32 4.63 -5.43
N VAL A 318 13.10 3.65 -6.34
CA VAL A 318 11.76 3.22 -6.82
C VAL A 318 10.96 2.59 -5.67
N VAL A 319 11.63 1.78 -4.87
CA VAL A 319 11.08 1.08 -3.71
C VAL A 319 10.76 2.11 -2.61
N LEU A 320 11.67 3.09 -2.40
CA LEU A 320 11.44 4.13 -1.39
C LEU A 320 10.23 4.99 -1.77
N LEU A 321 10.08 5.35 -3.08
CA LEU A 321 8.97 6.16 -3.57
C LEU A 321 7.64 5.39 -3.43
N TYR A 322 7.71 4.06 -3.65
CA TYR A 322 6.59 3.13 -3.59
C TYR A 322 6.02 3.11 -2.16
N MET A 323 6.91 3.10 -1.19
CA MET A 323 6.53 3.09 0.22
C MET A 323 5.97 4.43 0.65
N ALA A 324 6.60 5.57 0.27
CA ALA A 324 6.12 6.92 0.58
C ALA A 324 4.71 7.17 0.01
N THR A 325 4.46 6.72 -1.24
CA THR A 325 3.18 6.84 -1.96
C THR A 325 2.06 6.06 -1.28
N GLN A 326 2.38 4.84 -0.76
CA GLN A 326 1.39 4.02 -0.03
C GLN A 326 0.96 4.75 1.25
N ILE A 327 1.93 5.39 1.95
CA ILE A 327 1.64 6.20 3.15
C ILE A 327 0.77 7.44 2.77
N SER A 328 1.08 8.10 1.66
CA SER A 328 0.30 9.27 1.26
C SER A 328 -1.16 8.90 0.89
N SER A 329 -1.37 7.73 0.28
CA SER A 329 -2.69 7.19 -0.09
C SER A 329 -3.51 6.94 1.20
N ALA A 330 -2.88 6.28 2.21
CA ALA A 330 -3.47 6.01 3.51
C ALA A 330 -3.90 7.30 4.22
N MET A 331 -3.03 8.34 4.21
CA MET A 331 -3.31 9.67 4.80
C MET A 331 -4.40 10.45 4.05
N GLU A 332 -4.49 10.31 2.70
CA GLU A 332 -5.57 10.91 1.89
C GLU A 332 -6.94 10.31 2.34
N TYR A 333 -6.97 9.00 2.61
CA TYR A 333 -8.14 8.27 3.10
C TYR A 333 -8.51 8.77 4.51
N LEU A 334 -7.54 8.92 5.43
CA LEU A 334 -7.86 9.43 6.76
C LEU A 334 -8.33 10.88 6.70
N GLU A 335 -7.78 11.67 5.74
CA GLU A 335 -8.19 13.06 5.54
C GLU A 335 -9.67 13.12 5.09
N LYS A 336 -10.09 12.24 4.15
CA LYS A 336 -11.47 12.16 3.67
C LYS A 336 -12.46 11.85 4.81
N LYS A 337 -12.05 10.95 5.74
CA LYS A 337 -12.82 10.54 6.91
C LYS A 337 -12.77 11.59 8.03
N ASN A 338 -11.96 12.65 7.85
CA ASN A 338 -11.68 13.69 8.85
C ASN A 338 -11.09 13.07 10.14
N PHE A 339 -10.23 12.05 9.98
CA PHE A 339 -9.58 11.36 11.09
C PHE A 339 -8.19 11.98 11.31
N ILE A 340 -7.87 12.40 12.55
CA ILE A 340 -6.55 12.96 12.89
C ILE A 340 -5.76 11.82 13.52
N HIS A 341 -4.66 11.43 12.86
CA HIS A 341 -3.76 10.34 13.29
C HIS A 341 -3.04 10.71 14.58
N ARG A 342 -2.41 11.92 14.62
CA ARG A 342 -1.64 12.50 15.74
C ARG A 342 -0.26 11.85 15.96
N ASN A 343 0.04 10.71 15.35
CA ASN A 343 1.34 10.05 15.61
C ASN A 343 2.03 9.50 14.37
N LEU A 344 1.96 10.24 13.24
CA LEU A 344 2.61 9.81 12.01
C LEU A 344 4.17 9.93 12.11
N ALA A 345 4.86 8.79 11.93
CA ALA A 345 6.31 8.61 11.94
C ALA A 345 6.64 7.25 11.30
N ALA A 346 7.87 7.05 10.79
CA ALA A 346 8.25 5.76 10.14
C ALA A 346 8.12 4.59 11.11
N ARG A 347 8.32 4.86 12.42
CA ARG A 347 8.21 3.87 13.49
C ARG A 347 6.76 3.35 13.66
N ASN A 348 5.75 4.11 13.20
CA ASN A 348 4.34 3.74 13.30
C ASN A 348 3.78 3.08 12.04
N CYS A 349 4.64 2.72 11.08
CA CYS A 349 4.28 2.07 9.81
C CYS A 349 4.84 0.65 9.82
N LEU A 350 4.13 -0.30 9.19
CA LEU A 350 4.54 -1.71 9.13
C LEU A 350 4.81 -2.15 7.69
N VAL A 351 5.82 -3.00 7.52
CA VAL A 351 6.24 -3.50 6.21
C VAL A 351 5.89 -4.99 6.08
N GLY A 352 5.13 -5.31 5.05
CA GLY A 352 4.76 -6.69 4.71
C GLY A 352 5.54 -7.18 3.51
N GLU A 353 5.02 -8.26 2.89
CA GLU A 353 5.61 -8.85 1.68
C GLU A 353 5.45 -7.89 0.53
N ASN A 354 6.45 -7.89 -0.37
CA ASN A 354 6.48 -7.06 -1.58
C ASN A 354 6.35 -5.57 -1.31
N HIS A 355 7.01 -5.12 -0.24
CA HIS A 355 7.06 -3.72 0.22
C HIS A 355 5.68 -3.08 0.41
N LEU A 356 4.69 -3.91 0.82
CA LEU A 356 3.37 -3.43 1.18
C LEU A 356 3.56 -2.70 2.51
N VAL A 357 3.15 -1.42 2.54
CA VAL A 357 3.27 -0.60 3.73
C VAL A 357 1.88 -0.30 4.30
N LYS A 358 1.72 -0.43 5.63
CA LYS A 358 0.47 -0.09 6.31
C LYS A 358 0.76 0.88 7.44
N VAL A 359 0.01 1.98 7.48
CA VAL A 359 0.06 2.95 8.57
C VAL A 359 -0.72 2.30 9.74
N ALA A 360 -0.17 2.44 10.95
CA ALA A 360 -0.70 1.90 12.19
C ALA A 360 -0.56 2.97 13.29
N ASP A 361 -0.95 2.65 14.52
CA ASP A 361 -0.87 3.54 15.69
C ASP A 361 -0.65 2.67 16.94
N PHE A 362 0.62 2.56 17.39
CA PHE A 362 1.00 1.73 18.54
C PHE A 362 0.99 2.55 19.84
N PHE A 381 11.35 13.54 22.43
CA PHE A 381 11.76 12.89 21.18
C PHE A 381 10.68 13.04 20.08
N PRO A 382 9.34 12.74 20.34
CA PRO A 382 8.31 12.97 19.31
C PRO A 382 8.12 14.43 18.85
N ILE A 383 8.83 15.39 19.52
CA ILE A 383 8.90 16.82 19.22
C ILE A 383 9.38 17.01 17.75
N LYS A 384 10.30 16.14 17.28
CA LYS A 384 10.87 16.18 15.94
C LYS A 384 9.87 15.99 14.80
N TRP A 385 8.69 15.41 15.07
CA TRP A 385 7.62 15.14 14.08
C TRP A 385 6.40 16.06 14.30
N THR A 386 6.47 16.93 15.35
CA THR A 386 5.34 17.75 15.78
C THR A 386 5.37 19.14 15.17
N ALA A 387 4.22 19.55 14.61
CA ALA A 387 4.00 20.85 13.99
C ALA A 387 4.15 21.96 15.04
N PRO A 388 4.61 23.17 14.65
CA PRO A 388 4.77 24.27 15.64
C PRO A 388 3.54 24.64 16.49
N GLU A 389 2.33 24.71 15.87
CA GLU A 389 1.09 25.05 16.58
C GLU A 389 0.67 23.95 17.59
N SER A 390 1.09 22.70 17.33
CA SER A 390 0.84 21.56 18.21
C SER A 390 1.79 21.66 19.40
N LEU A 391 3.07 22.07 19.16
CA LEU A 391 4.07 22.27 20.24
C LEU A 391 3.69 23.46 21.16
N ALA A 392 3.24 24.56 20.55
CA ALA A 392 2.90 25.80 21.25
C ALA A 392 1.53 25.81 21.92
N TYR A 393 0.47 25.35 21.21
CA TYR A 393 -0.93 25.39 21.66
C TYR A 393 -1.65 24.06 21.81
N ASN A 394 -0.94 22.93 21.64
CA ASN A 394 -1.50 21.57 21.67
C ASN A 394 -2.69 21.42 20.68
N LYS A 395 -2.54 22.01 19.53
CA LYS A 395 -3.51 22.05 18.45
C LYS A 395 -3.13 21.00 17.41
N PHE A 396 -3.89 19.91 17.35
CA PHE A 396 -3.66 18.87 16.36
C PHE A 396 -4.76 18.87 15.35
N SER A 397 -4.37 18.68 14.08
CA SER A 397 -5.28 18.67 12.95
C SER A 397 -4.73 17.78 11.81
N ILE A 398 -5.47 17.70 10.69
CA ILE A 398 -5.00 16.99 9.49
C ILE A 398 -3.73 17.73 9.02
N LYS A 399 -3.67 19.09 9.18
CA LYS A 399 -2.50 19.88 8.80
C LYS A 399 -1.27 19.60 9.67
N SER A 400 -1.44 19.26 10.96
CA SER A 400 -0.32 18.82 11.78
C SER A 400 0.13 17.40 11.37
N ASP A 401 -0.80 16.55 10.86
CA ASP A 401 -0.44 15.22 10.33
C ASP A 401 0.40 15.43 9.06
N VAL A 402 0.05 16.47 8.25
CA VAL A 402 0.79 16.87 7.04
C VAL A 402 2.26 17.21 7.38
N TRP A 403 2.47 18.04 8.44
CA TRP A 403 3.81 18.37 8.91
C TRP A 403 4.59 17.07 9.21
N ALA A 404 3.99 16.15 9.99
CA ALA A 404 4.61 14.88 10.41
C ALA A 404 4.95 13.99 9.19
N PHE A 405 4.09 14.05 8.15
CA PHE A 405 4.33 13.32 6.89
C PHE A 405 5.63 13.82 6.19
N GLY A 406 5.88 15.13 6.21
CA GLY A 406 7.11 15.73 5.68
C GLY A 406 8.37 15.18 6.33
N VAL A 407 8.34 15.03 7.65
CA VAL A 407 9.43 14.43 8.46
C VAL A 407 9.60 12.93 8.10
N LEU A 408 8.48 12.22 7.93
CA LEU A 408 8.47 10.80 7.57
C LEU A 408 9.17 10.60 6.19
N LEU A 409 8.87 11.51 5.24
CA LEU A 409 9.44 11.58 3.88
C LEU A 409 10.98 11.77 4.00
N TRP A 410 11.43 12.60 4.96
CA TRP A 410 12.84 12.82 5.25
C TRP A 410 13.48 11.55 5.85
N GLU A 411 12.75 10.79 6.70
CA GLU A 411 13.21 9.49 7.26
C GLU A 411 13.40 8.49 6.12
N ILE A 412 12.49 8.48 5.15
CA ILE A 412 12.57 7.58 3.98
C ILE A 412 13.77 7.98 3.10
N ALA A 413 13.87 9.29 2.78
CA ALA A 413 14.92 9.87 1.96
C ALA A 413 16.33 9.65 2.52
N THR A 414 16.44 9.26 3.82
CA THR A 414 17.72 9.04 4.48
C THR A 414 17.97 7.61 4.97
N TYR A 415 17.09 6.63 4.64
CA TYR A 415 17.21 5.24 5.15
C TYR A 415 17.11 5.18 6.69
N GLY A 416 16.20 5.99 7.22
CA GLY A 416 15.86 6.04 8.64
C GLY A 416 16.79 6.82 9.55
N MET A 417 17.32 7.95 9.10
CA MET A 417 18.15 8.73 10.02
C MET A 417 17.25 9.46 11.03
N SER A 418 17.84 9.79 12.18
CA SER A 418 17.15 10.53 13.22
C SER A 418 17.02 12.00 12.78
N PRO A 419 15.80 12.59 12.77
CA PRO A 419 15.65 14.01 12.34
C PRO A 419 16.40 15.03 13.19
N TYR A 420 16.63 16.22 12.60
CA TYR A 420 17.35 17.36 13.19
C TYR A 420 18.69 16.95 13.80
N PRO A 421 19.60 16.31 13.02
CA PRO A 421 20.90 15.93 13.60
C PRO A 421 21.67 17.17 14.09
N GLY A 422 22.27 17.06 15.27
CA GLY A 422 23.07 18.11 15.91
C GLY A 422 22.30 19.19 16.65
N ILE A 423 20.96 19.13 16.58
CA ILE A 423 20.08 20.12 17.19
C ILE A 423 19.52 19.65 18.52
N ASP A 424 19.62 20.50 19.54
CA ASP A 424 19.08 20.25 20.87
C ASP A 424 17.55 20.38 20.79
N LEU A 425 16.80 19.42 21.37
CA LEU A 425 15.33 19.42 21.35
C LEU A 425 14.70 20.68 21.89
N SER A 426 15.37 21.33 22.87
CA SER A 426 14.89 22.56 23.49
C SER A 426 14.96 23.76 22.54
N GLN A 427 15.77 23.67 21.48
CA GLN A 427 15.96 24.74 20.48
C GLN A 427 15.17 24.54 19.14
N VAL A 428 14.57 23.35 18.91
CA VAL A 428 13.81 23.00 17.69
C VAL A 428 12.74 24.06 17.35
N TYR A 429 11.81 24.39 18.29
CA TYR A 429 10.74 25.37 18.04
C TYR A 429 11.27 26.74 17.62
N GLU A 430 12.34 27.21 18.33
CA GLU A 430 12.99 28.50 18.13
C GLU A 430 13.59 28.56 16.72
N LEU A 431 14.22 27.46 16.29
CA LEU A 431 14.80 27.34 14.95
C LEU A 431 13.74 27.32 13.86
N LEU A 432 12.65 26.56 14.08
CA LEU A 432 11.52 26.47 13.13
C LEU A 432 10.86 27.84 12.91
N GLU A 433 10.79 28.66 13.99
CA GLU A 433 10.25 30.02 14.00
C GLU A 433 11.08 31.01 13.15
N LYS A 434 12.41 30.82 13.11
CA LYS A 434 13.35 31.62 12.32
C LYS A 434 13.46 31.08 10.86
N ASP A 435 12.55 30.15 10.49
CA ASP A 435 12.45 29.51 9.18
C ASP A 435 13.61 28.56 8.90
N TYR A 436 14.18 27.97 9.95
CA TYR A 436 15.16 26.94 9.75
C TYR A 436 14.36 25.63 9.44
N ARG A 437 14.84 24.82 8.49
CA ARG A 437 14.26 23.51 8.14
C ARG A 437 15.42 22.57 7.87
N MET A 438 15.20 21.26 8.00
CA MET A 438 16.23 20.27 7.66
C MET A 438 16.65 20.45 6.20
N GLU A 439 17.96 20.30 5.94
CA GLU A 439 18.58 20.42 4.63
C GLU A 439 18.14 19.25 3.77
N ARG A 440 18.15 19.43 2.43
CA ARG A 440 17.83 18.39 1.48
C ARG A 440 18.72 17.18 1.72
N PRO A 441 18.16 15.98 2.02
CA PRO A 441 19.05 14.81 2.17
C PRO A 441 19.93 14.60 0.92
N GLU A 442 21.07 13.93 1.10
CA GLU A 442 21.98 13.64 0.02
C GLU A 442 21.32 12.64 -0.95
N GLY A 443 21.23 13.05 -2.21
CA GLY A 443 20.66 12.27 -3.30
C GLY A 443 19.18 12.52 -3.51
N CYS A 444 18.54 13.28 -2.59
CA CYS A 444 17.12 13.60 -2.64
C CYS A 444 16.75 14.46 -3.83
N PRO A 445 15.84 13.99 -4.71
CA PRO A 445 15.42 14.84 -5.84
C PRO A 445 14.73 16.13 -5.35
N GLU A 446 15.02 17.26 -6.02
CA GLU A 446 14.50 18.60 -5.67
C GLU A 446 12.97 18.62 -5.49
N LYS A 447 12.21 17.94 -6.36
CA LYS A 447 10.75 17.84 -6.31
C LYS A 447 10.23 17.16 -5.04
N VAL A 448 10.98 16.18 -4.50
CA VAL A 448 10.60 15.52 -3.26
C VAL A 448 10.90 16.47 -2.07
N TYR A 449 12.06 17.16 -2.09
CA TYR A 449 12.46 18.11 -1.05
C TYR A 449 11.51 19.33 -0.99
N GLU A 450 10.98 19.76 -2.15
CA GLU A 450 10.00 20.85 -2.24
C GLU A 450 8.70 20.45 -1.57
N LEU A 451 8.32 19.16 -1.72
CA LEU A 451 7.13 18.62 -1.10
C LEU A 451 7.26 18.66 0.44
N MET A 452 8.42 18.25 0.98
CA MET A 452 8.71 18.29 2.43
C MET A 452 8.60 19.76 2.91
N ARG A 453 9.17 20.72 2.14
CA ARG A 453 9.16 22.15 2.46
C ARG A 453 7.75 22.71 2.44
N ALA A 454 6.88 22.13 1.57
CA ALA A 454 5.47 22.49 1.50
C ALA A 454 4.77 21.94 2.76
N CYS A 455 5.13 20.71 3.20
CA CYS A 455 4.54 20.10 4.41
C CYS A 455 4.94 20.90 5.65
N TRP A 456 6.14 21.52 5.60
CA TRP A 456 6.69 22.28 6.70
C TRP A 456 6.43 23.77 6.64
N GLN A 457 5.30 24.18 6.06
CA GLN A 457 4.96 25.60 6.06
C GLN A 457 4.55 25.96 7.50
N TRP A 458 5.05 27.11 8.03
CA TRP A 458 4.77 27.55 9.41
C TRP A 458 3.27 27.56 9.68
N ASN A 459 2.51 28.24 8.82
CA ASN A 459 1.07 28.37 8.90
C ASN A 459 0.38 27.08 8.35
N PRO A 460 -0.44 26.40 9.20
CA PRO A 460 -1.14 25.16 8.76
C PRO A 460 -1.94 25.30 7.47
N SER A 461 -2.61 26.45 7.25
CA SER A 461 -3.41 26.67 6.04
C SER A 461 -2.56 26.78 4.77
N ASP A 462 -1.25 27.10 4.88
CA ASP A 462 -0.34 27.14 3.73
C ASP A 462 0.09 25.76 3.28
N ARG A 463 -0.05 24.71 4.16
CA ARG A 463 0.38 23.33 3.88
C ARG A 463 -0.52 22.65 2.86
N PRO A 464 0.01 21.79 1.95
CA PRO A 464 -0.90 21.06 1.04
C PRO A 464 -1.76 20.07 1.82
N SER A 465 -2.88 19.67 1.23
CA SER A 465 -3.75 18.64 1.79
C SER A 465 -3.14 17.30 1.35
N PHE A 466 -3.53 16.22 2.01
CA PHE A 466 -3.08 14.88 1.65
C PHE A 466 -3.55 14.41 0.24
N ALA A 467 -4.71 14.90 -0.23
CA ALA A 467 -5.19 14.61 -1.60
C ALA A 467 -4.20 15.25 -2.60
N GLU A 468 -3.74 16.50 -2.31
CA GLU A 468 -2.73 17.20 -3.14
C GLU A 468 -1.36 16.52 -3.05
N ILE A 469 -0.98 16.03 -1.87
CA ILE A 469 0.30 15.31 -1.74
C ILE A 469 0.28 14.02 -2.58
N HIS A 470 -0.84 13.25 -2.52
CA HIS A 470 -0.97 12.00 -3.25
C HIS A 470 -0.93 12.25 -4.78
N GLN A 471 -1.73 13.26 -5.23
CA GLN A 471 -1.77 13.72 -6.62
C GLN A 471 -0.35 14.11 -7.10
N ALA A 472 0.43 14.87 -6.27
CA ALA A 472 1.82 15.25 -6.59
C ALA A 472 2.71 14.04 -6.84
N PHE A 473 2.63 13.00 -5.99
CA PHE A 473 3.47 11.79 -6.15
C PHE A 473 3.19 11.06 -7.47
N GLU A 474 1.91 10.99 -7.85
CA GLU A 474 1.38 10.30 -9.02
C GLU A 474 1.56 11.06 -10.33
N THR A 475 2.04 12.33 -10.27
CA THR A 475 2.32 13.18 -11.43
C THR A 475 3.72 13.80 -11.29
N MET A 476 4.66 13.13 -10.55
CA MET A 476 6.00 13.68 -10.25
C MET A 476 7.13 13.30 -11.22
N PHE A 477 7.26 12.02 -11.52
CA PHE A 477 8.30 11.56 -12.44
C PHE A 477 7.54 10.91 -13.60
N GLN A 478 6.63 11.70 -14.21
CA GLN A 478 5.72 11.28 -15.27
C GLN A 478 6.39 11.21 -16.65
N GLU A 479 7.60 11.75 -16.77
CA GLU A 479 8.38 11.73 -17.99
C GLU A 479 9.85 11.57 -17.62
N SER A 480 10.12 10.64 -16.67
CA SER A 480 11.43 10.31 -16.10
C SER A 480 11.30 9.16 -15.07
N SER A 481 12.41 8.88 -14.37
CA SER A 481 12.50 7.86 -13.33
C SER A 481 13.22 8.47 -12.13
N ILE A 482 12.71 8.18 -10.92
CA ILE A 482 13.29 8.67 -9.66
C ILE A 482 14.72 8.13 -9.51
N SER A 483 15.02 6.98 -10.13
CA SER A 483 16.36 6.41 -10.12
C SER A 483 17.37 7.30 -10.86
N ASP A 484 16.93 7.94 -11.97
CA ASP A 484 17.75 8.89 -12.74
C ASP A 484 17.93 10.21 -11.98
N GLU A 485 16.83 10.71 -11.37
CA GLU A 485 16.81 11.93 -10.56
C GLU A 485 17.76 11.82 -9.40
N VAL A 486 17.74 10.68 -8.70
CA VAL A 486 18.62 10.41 -7.57
C VAL A 486 20.06 10.35 -8.05
N GLU A 487 20.30 9.70 -9.23
CA GLU A 487 21.62 9.56 -9.85
C GLU A 487 22.25 10.93 -10.13
N LYS A 488 21.46 11.87 -10.69
CA LYS A 488 21.93 13.23 -10.97
C LYS A 488 22.31 13.96 -9.67
N GLU A 489 21.45 13.91 -8.61
CA GLU A 489 21.70 14.56 -7.31
C GLU A 489 22.93 14.01 -6.61
N LEU A 490 23.25 12.72 -6.81
CA LEU A 490 24.45 12.14 -6.21
C LEU A 490 25.72 12.55 -7.02
N GLY A 491 25.52 13.00 -8.26
CA GLY A 491 26.59 13.46 -9.14
C GLY A 491 26.88 14.96 -9.00
N LYS A 492 25.80 15.78 -8.93
CA LYS A 492 25.89 17.23 -8.77
C LYS A 492 26.05 17.60 -7.30
#